data_3LIE
#
_entry.id   3LIE
#
_cell.length_a   78.049
_cell.length_b   114.953
_cell.length_c   69.624
_cell.angle_alpha   90.000
_cell.angle_beta   90.000
_cell.angle_gamma   90.000
#
_symmetry.space_group_name_H-M   'P 21 21 2'
#
loop_
_entity.id
_entity.type
_entity.pdbx_description
1 polymer 'Putative sensory box/GGDEF family protein'
2 non-polymer 'MAGNESIUM ION'
3 water water
#
_entity_poly.entity_id   1
_entity_poly.type   'polypeptide(L)'
_entity_poly.pdbx_seq_one_letter_code
;MEKYQALLANNVENTAKEALHQLAYTGREYNNIQDQIETISDLLGHSQSLYDYLREPSKANLTILENMWSSVARNQKLYK
QIRFLDTSGTEKVRIKYDFKTSIAGPSLILRDKSAREYFKYAQSLDNEQISAWGIELERDKGELVYPLSPSLRILMPISV
NDVRQGYLVLNVDIEYLSSLLNYSPVRDFHIELVKHKGFYIASPDESRLYGDIIPERSQFNFSNMYPDIWPRVVSEQAGY
SYSGEHLIAFSSIKFVSNEPLHLIIDLSNEQLSKRATRDINDLIQESLEHHHHHH
;
_entity_poly.pdbx_strand_id   A,B
#
loop_
_chem_comp.id
_chem_comp.type
_chem_comp.name
_chem_comp.formula
MG non-polymer 'MAGNESIUM ION' 'Mg 2'
#
# COMPACT_ATOMS: atom_id res chain seq x y z
N GLN A 5 25.06 2.17 -23.40
CA GLN A 5 23.67 2.19 -22.95
C GLN A 5 23.52 2.56 -21.45
N ALA A 6 23.71 3.84 -21.11
CA ALA A 6 23.74 4.23 -19.70
C ALA A 6 24.17 5.65 -19.33
N LEU A 7 24.14 6.56 -20.29
CA LEU A 7 24.46 7.95 -20.04
C LEU A 7 23.83 8.84 -21.09
N LEU A 8 22.83 9.62 -20.73
CA LEU A 8 22.23 9.56 -19.41
C LEU A 8 21.49 10.81 -19.21
N ALA A 9 22.00 11.65 -18.33
CA ALA A 9 21.47 12.98 -18.18
C ALA A 9 21.19 13.39 -16.76
N ASN A 10 21.61 12.60 -15.81
CA ASN A 10 21.53 13.04 -14.40
C ASN A 10 20.15 13.33 -13.76
N ASN A 11 19.62 14.52 -14.03
CA ASN A 11 18.28 14.88 -13.58
C ASN A 11 17.25 13.84 -14.04
N VAL A 12 17.34 13.44 -15.30
CA VAL A 12 16.43 12.46 -15.89
C VAL A 12 16.68 11.05 -15.38
N GLU A 13 17.92 10.69 -15.14
CA GLU A 13 18.18 9.36 -14.59
C GLU A 13 17.66 9.21 -13.17
N ASN A 14 17.78 10.29 -12.37
CA ASN A 14 17.26 10.30 -11.00
C ASN A 14 15.76 10.07 -10.99
N THR A 15 15.05 10.91 -11.75
CA THR A 15 13.64 10.73 -11.99
C THR A 15 13.20 9.28 -12.30
N ALA A 16 13.90 8.60 -13.21
CA ALA A 16 13.51 7.26 -13.59
C ALA A 16 13.57 6.40 -12.38
N LYS A 17 14.72 6.45 -11.71
CA LYS A 17 14.93 5.75 -10.46
C LYS A 17 13.81 5.90 -9.44
N GLU A 18 13.38 7.14 -9.24
CA GLU A 18 12.22 7.37 -8.39
C GLU A 18 10.95 6.71 -8.96
N ALA A 19 10.80 6.81 -10.29
CA ALA A 19 9.68 6.24 -11.05
C ALA A 19 9.63 4.79 -10.80
N LEU A 20 10.79 4.16 -10.76
CA LEU A 20 10.81 2.72 -10.57
C LEU A 20 10.47 2.36 -9.14
N HIS A 21 10.89 3.16 -8.19
CA HIS A 21 10.48 2.83 -6.83
C HIS A 21 8.96 2.88 -6.74
N GLN A 22 8.40 3.92 -7.36
CA GLN A 22 6.94 4.05 -7.34
C GLN A 22 6.25 2.84 -7.92
N LEU A 23 6.77 2.27 -9.01
CA LEU A 23 6.14 1.09 -9.62
C LEU A 23 6.31 -0.12 -8.75
N ALA A 24 7.41 -0.15 -8.03
CA ALA A 24 7.57 -1.22 -7.06
C ALA A 24 6.48 -1.16 -5.97
N TYR A 25 6.24 0.02 -5.44
CA TYR A 25 5.23 0.13 -4.39
C TYR A 25 3.83 -0.21 -4.91
N THR A 26 3.33 0.62 -5.82
CA THR A 26 2.01 0.42 -6.39
C THR A 26 1.82 -0.97 -6.95
N GLY A 27 2.87 -1.56 -7.51
CA GLY A 27 2.70 -2.90 -7.99
C GLY A 27 2.34 -3.77 -6.83
N ARG A 28 2.94 -3.51 -5.67
CA ARG A 28 2.81 -4.39 -4.52
C ARG A 28 1.40 -4.27 -3.94
N GLU A 29 0.92 -3.04 -3.92
CA GLU A 29 -0.48 -2.79 -3.64
C GLU A 29 -1.44 -3.60 -4.56
N TYR A 30 -1.24 -3.49 -5.87
CA TYR A 30 -1.98 -4.38 -6.78
C TYR A 30 -1.91 -5.82 -6.39
N ASN A 31 -0.74 -6.34 -6.07
CA ASN A 31 -0.68 -7.74 -5.63
C ASN A 31 -1.64 -8.05 -4.47
N ASN A 32 -1.74 -7.08 -3.59
CA ASN A 32 -2.44 -7.27 -2.39
C ASN A 32 -3.91 -7.33 -2.76
N ILE A 33 -4.38 -6.33 -3.48
CA ILE A 33 -5.76 -6.34 -3.96
C ILE A 33 -6.12 -7.65 -4.67
N GLN A 34 -5.24 -8.13 -5.53
CA GLN A 34 -5.59 -9.34 -6.23
C GLN A 34 -5.72 -10.50 -5.28
N ASP A 35 -4.86 -10.52 -4.24
CA ASP A 35 -4.90 -11.58 -3.23
C ASP A 35 -6.15 -11.38 -2.35
N GLN A 36 -6.50 -10.13 -2.12
CA GLN A 36 -7.76 -9.81 -1.48
C GLN A 36 -8.93 -10.40 -2.27
N ILE A 37 -8.91 -10.23 -3.59
CA ILE A 37 -9.97 -10.74 -4.44
C ILE A 37 -10.13 -12.23 -4.34
N GLU A 38 -9.02 -12.96 -4.27
CA GLU A 38 -9.07 -14.42 -4.22
C GLU A 38 -9.54 -14.91 -2.86
N THR A 39 -9.02 -14.26 -1.82
CA THR A 39 -9.51 -14.48 -0.48
C THR A 39 -11.01 -14.36 -0.38
N ILE A 40 -11.55 -13.26 -0.90
CA ILE A 40 -12.98 -12.94 -0.77
C ILE A 40 -13.80 -13.93 -1.53
N SER A 41 -13.27 -14.36 -2.68
CA SER A 41 -13.90 -15.35 -3.50
C SER A 41 -14.06 -16.63 -2.77
N ASP A 42 -13.04 -17.01 -2.02
CA ASP A 42 -13.17 -18.26 -1.31
C ASP A 42 -14.21 -18.16 -0.19
N LEU A 43 -14.15 -17.08 0.58
CA LEU A 43 -15.11 -16.92 1.65
C LEU A 43 -16.46 -17.00 1.03
N LEU A 44 -16.69 -16.18 0.02
CA LEU A 44 -17.97 -16.13 -0.62
C LEU A 44 -18.32 -17.54 -1.06
N GLY A 45 -17.37 -18.21 -1.72
CA GLY A 45 -17.55 -19.60 -2.17
C GLY A 45 -17.95 -20.58 -1.08
N HIS A 46 -17.58 -20.30 0.15
CA HIS A 46 -17.89 -21.21 1.22
C HIS A 46 -18.91 -20.66 2.17
N SER A 47 -19.49 -19.53 1.83
CA SER A 47 -20.35 -18.89 2.82
C SER A 47 -21.50 -19.83 3.20
N GLN A 48 -21.86 -19.83 4.48
CA GLN A 48 -22.93 -20.67 4.94
C GLN A 48 -24.18 -20.42 4.11
N SER A 49 -24.65 -19.18 4.12
CA SER A 49 -25.91 -18.86 3.47
C SER A 49 -25.98 -19.54 2.12
N LEU A 50 -24.86 -19.60 1.42
CA LEU A 50 -24.84 -20.20 0.11
C LEU A 50 -25.17 -21.69 0.19
N TYR A 51 -24.49 -22.40 1.08
CA TYR A 51 -24.74 -23.82 1.33
C TYR A 51 -26.21 -24.09 1.63
N ASP A 52 -26.73 -23.45 2.67
CA ASP A 52 -28.13 -23.58 3.07
C ASP A 52 -29.07 -23.37 1.91
N TYR A 53 -28.73 -22.41 1.05
CA TYR A 53 -29.56 -22.09 -0.09
C TYR A 53 -29.43 -23.23 -1.10
N LEU A 54 -28.21 -23.72 -1.23
CA LEU A 54 -27.88 -24.71 -2.22
C LEU A 54 -28.68 -26.00 -2.02
N ARG A 55 -28.97 -26.34 -0.77
CA ARG A 55 -29.72 -27.55 -0.50
C ARG A 55 -31.22 -27.24 -0.37
N GLU A 56 -31.54 -26.15 0.29
CA GLU A 56 -32.91 -25.73 0.44
C GLU A 56 -33.09 -24.30 -0.09
N PRO A 57 -33.39 -24.17 -1.40
CA PRO A 57 -33.60 -22.91 -2.10
C PRO A 57 -34.97 -22.26 -1.87
N SER A 58 -35.27 -21.88 -0.63
CA SER A 58 -36.53 -21.18 -0.37
C SER A 58 -36.43 -19.71 -0.79
N LYS A 59 -37.24 -18.86 -0.17
CA LYS A 59 -37.07 -17.42 -0.33
C LYS A 59 -36.60 -16.88 0.99
N ALA A 60 -36.56 -17.77 1.98
CA ALA A 60 -36.06 -17.36 3.26
C ALA A 60 -34.56 -17.59 3.25
N ASN A 61 -34.14 -18.63 2.53
CA ASN A 61 -32.74 -18.99 2.50
C ASN A 61 -31.98 -18.08 1.54
N LEU A 62 -32.63 -17.73 0.43
CA LEU A 62 -32.17 -16.68 -0.46
C LEU A 62 -31.96 -15.36 0.32
N THR A 63 -33.05 -14.78 0.82
CA THR A 63 -32.96 -13.52 1.57
C THR A 63 -31.73 -13.39 2.50
N ILE A 64 -31.33 -14.48 3.12
CA ILE A 64 -30.24 -14.43 4.05
C ILE A 64 -28.93 -14.34 3.28
N LEU A 65 -28.85 -15.16 2.23
CA LEU A 65 -27.75 -15.14 1.28
C LEU A 65 -27.53 -13.69 0.79
N GLU A 66 -28.51 -13.17 0.07
CA GLU A 66 -28.49 -11.81 -0.40
C GLU A 66 -28.00 -10.83 0.68
N ASN A 67 -28.70 -10.82 1.81
CA ASN A 67 -28.32 -9.95 2.88
C ASN A 67 -26.86 -10.07 3.16
N MET A 68 -26.40 -11.31 3.17
CA MET A 68 -25.02 -11.58 3.53
C MET A 68 -24.07 -11.03 2.50
N TRP A 69 -24.25 -11.45 1.24
CA TRP A 69 -23.43 -10.96 0.14
C TRP A 69 -23.51 -9.43 -0.01
N SER A 70 -24.68 -8.87 0.24
CA SER A 70 -24.77 -7.41 0.19
C SER A 70 -23.90 -6.74 1.24
N SER A 71 -23.68 -7.37 2.39
CA SER A 71 -22.82 -6.73 3.40
C SER A 71 -21.37 -6.81 3.00
N VAL A 72 -21.08 -7.76 2.11
CA VAL A 72 -19.72 -7.97 1.71
C VAL A 72 -19.40 -6.97 0.66
N ALA A 73 -20.36 -6.72 -0.19
CA ALA A 73 -20.22 -5.75 -1.24
C ALA A 73 -20.08 -4.36 -0.60
N ARG A 74 -20.97 -4.05 0.30
CA ARG A 74 -20.98 -2.76 0.87
C ARG A 74 -19.81 -2.58 1.80
N ASN A 75 -19.13 -3.65 2.12
CA ASN A 75 -18.05 -3.56 3.08
C ASN A 75 -16.70 -3.49 2.35
N GLN A 76 -16.61 -4.14 1.19
CA GLN A 76 -15.35 -4.28 0.50
C GLN A 76 -15.21 -3.20 -0.53
N LYS A 77 -16.33 -2.62 -0.89
CA LYS A 77 -16.36 -1.45 -1.77
C LYS A 77 -15.92 -1.69 -3.20
N LEU A 78 -15.11 -2.72 -3.46
CA LEU A 78 -14.54 -2.80 -4.80
C LEU A 78 -15.26 -3.73 -5.74
N TYR A 79 -16.39 -4.24 -5.33
CA TYR A 79 -17.13 -5.12 -6.27
C TYR A 79 -18.36 -4.41 -6.79
N LYS A 80 -18.37 -4.07 -8.06
CA LYS A 80 -19.58 -3.56 -8.73
C LYS A 80 -20.76 -4.55 -8.64
N GLN A 81 -20.45 -5.83 -8.74
CA GLN A 81 -21.48 -6.83 -8.78
C GLN A 81 -20.94 -8.17 -8.27
N ILE A 82 -21.79 -8.91 -7.57
CA ILE A 82 -21.44 -10.23 -7.09
C ILE A 82 -22.57 -11.19 -7.44
N ARG A 83 -22.21 -12.33 -8.02
CA ARG A 83 -23.21 -13.21 -8.60
C ARG A 83 -22.89 -14.68 -8.41
N PHE A 84 -23.92 -15.45 -8.13
CA PHE A 84 -23.91 -16.86 -8.25
C PHE A 84 -24.77 -17.30 -9.43
N LEU A 85 -24.17 -18.03 -10.38
CA LEU A 85 -24.91 -18.71 -11.40
C LEU A 85 -24.86 -20.21 -11.09
N ASP A 86 -25.93 -20.91 -11.44
CA ASP A 86 -26.01 -22.36 -11.24
C ASP A 86 -25.17 -23.04 -12.31
N THR A 87 -25.04 -24.37 -12.21
CA THR A 87 -24.17 -25.15 -13.08
C THR A 87 -24.70 -24.97 -14.47
N SER A 88 -25.97 -24.61 -14.55
CA SER A 88 -26.53 -24.31 -15.86
C SER A 88 -26.42 -22.85 -16.27
N GLY A 89 -25.67 -22.06 -15.52
CA GLY A 89 -25.46 -20.65 -15.87
C GLY A 89 -26.64 -19.70 -15.70
N THR A 90 -27.54 -20.01 -14.77
CA THR A 90 -28.63 -19.10 -14.50
C THR A 90 -28.29 -18.37 -13.23
N GLU A 91 -28.24 -17.06 -13.34
CA GLU A 91 -28.02 -16.22 -12.19
C GLU A 91 -29.09 -16.56 -11.17
N LYS A 92 -28.68 -16.99 -9.99
CA LYS A 92 -29.65 -17.16 -8.93
C LYS A 92 -29.59 -16.04 -7.91
N VAL A 93 -28.41 -15.40 -7.84
CA VAL A 93 -28.16 -14.28 -6.95
C VAL A 93 -27.29 -13.26 -7.67
N ARG A 94 -27.73 -12.00 -7.61
CA ARG A 94 -27.10 -10.92 -8.34
C ARG A 94 -27.11 -9.67 -7.47
N ILE A 95 -26.00 -9.42 -6.80
CA ILE A 95 -25.86 -8.26 -5.94
C ILE A 95 -25.16 -7.13 -6.69
N LYS A 96 -25.66 -5.89 -6.53
CA LYS A 96 -24.98 -4.75 -7.09
C LYS A 96 -24.60 -3.82 -5.97
N TYR A 97 -23.45 -3.17 -6.11
CA TYR A 97 -23.03 -2.17 -5.14
C TYR A 97 -22.64 -0.92 -5.92
N ASP A 98 -22.89 0.24 -5.35
CA ASP A 98 -22.51 1.47 -6.06
C ASP A 98 -21.72 2.42 -5.18
N PHE A 99 -20.39 2.52 -5.38
CA PHE A 99 -19.61 3.15 -4.34
C PHE A 99 -19.84 4.65 -4.29
N LYS A 100 -20.52 5.18 -5.29
CA LYS A 100 -20.87 6.59 -5.27
C LYS A 100 -21.89 6.86 -4.18
N THR A 101 -22.88 5.99 -4.07
CA THR A 101 -23.90 6.12 -3.01
C THR A 101 -23.64 5.13 -1.89
N SER A 102 -22.92 4.05 -2.22
CA SER A 102 -22.54 2.99 -1.26
C SER A 102 -23.70 2.11 -0.74
N ILE A 103 -24.68 1.86 -1.60
CA ILE A 103 -25.70 0.94 -1.23
C ILE A 103 -25.44 -0.29 -2.03
N ALA A 104 -25.50 -1.42 -1.32
CA ALA A 104 -25.47 -2.74 -1.91
C ALA A 104 -26.86 -3.36 -1.80
N GLY A 105 -27.32 -4.01 -2.84
CA GLY A 105 -28.60 -4.67 -2.70
C GLY A 105 -28.82 -5.65 -3.81
N PRO A 106 -29.73 -6.60 -3.57
CA PRO A 106 -30.09 -7.57 -4.57
C PRO A 106 -30.87 -6.96 -5.70
N SER A 107 -30.63 -7.49 -6.88
CA SER A 107 -31.33 -7.10 -8.06
C SER A 107 -32.54 -7.99 -8.03
N LEU A 108 -33.62 -7.64 -8.75
CA LEU A 108 -34.72 -8.61 -8.95
C LEU A 108 -34.59 -9.30 -10.31
N ILE A 109 -33.82 -8.70 -11.23
CA ILE A 109 -33.65 -9.23 -12.60
C ILE A 109 -32.61 -10.29 -12.69
N LEU A 110 -33.02 -11.53 -12.85
CA LEU A 110 -32.09 -12.63 -13.01
C LEU A 110 -32.13 -13.12 -14.45
N ARG A 111 -30.99 -13.45 -15.04
CA ARG A 111 -30.95 -13.78 -16.45
C ARG A 111 -30.15 -15.04 -16.66
N ASP A 112 -30.55 -15.80 -17.68
CA ASP A 112 -29.75 -16.88 -18.18
C ASP A 112 -28.63 -16.23 -18.98
N LYS A 113 -27.44 -16.80 -18.89
CA LYS A 113 -26.25 -16.22 -19.50
C LYS A 113 -25.37 -17.31 -20.07
N SER A 114 -25.85 -18.56 -20.07
CA SER A 114 -25.09 -19.66 -20.67
C SER A 114 -24.71 -19.42 -22.12
N ALA A 115 -25.25 -18.36 -22.72
CA ALA A 115 -24.85 -17.91 -24.05
C ALA A 115 -23.41 -17.35 -24.10
N ARG A 116 -23.14 -16.42 -23.17
CA ARG A 116 -21.91 -15.60 -23.16
C ARG A 116 -20.66 -16.47 -23.08
N GLU A 117 -19.58 -15.94 -23.68
CA GLU A 117 -18.33 -16.66 -23.88
C GLU A 117 -17.65 -16.93 -22.57
N TYR A 118 -17.60 -15.91 -21.72
CA TYR A 118 -16.93 -16.04 -20.45
C TYR A 118 -17.49 -17.16 -19.55
N PHE A 119 -18.80 -17.41 -19.62
CA PHE A 119 -19.37 -18.51 -18.88
C PHE A 119 -18.81 -19.87 -19.31
N LYS A 120 -18.66 -20.04 -20.62
CA LYS A 120 -18.11 -21.25 -21.21
C LYS A 120 -16.68 -21.38 -20.73
N TYR A 121 -15.96 -20.26 -20.77
CA TYR A 121 -14.66 -20.17 -20.12
C TYR A 121 -14.77 -20.72 -18.67
N ALA A 122 -15.65 -20.08 -17.89
CA ALA A 122 -15.97 -20.53 -16.55
C ALA A 122 -16.05 -22.06 -16.47
N GLN A 123 -16.87 -22.64 -17.35
CA GLN A 123 -16.93 -24.10 -17.57
C GLN A 123 -15.58 -24.80 -17.44
N SER A 124 -14.71 -24.48 -18.37
CA SER A 124 -13.39 -25.12 -18.50
C SER A 124 -12.48 -24.84 -17.33
N LEU A 125 -13.06 -24.70 -16.15
CA LEU A 125 -12.29 -24.31 -14.98
C LEU A 125 -12.42 -25.34 -13.89
N ASP A 126 -11.30 -25.65 -13.24
CA ASP A 126 -11.33 -26.58 -12.13
C ASP A 126 -12.18 -26.03 -10.98
N ASN A 127 -12.79 -26.93 -10.22
CA ASN A 127 -13.47 -26.52 -9.01
C ASN A 127 -12.56 -25.63 -8.17
N GLU A 128 -13.06 -24.45 -7.78
CA GLU A 128 -12.39 -23.58 -6.80
C GLU A 128 -11.18 -22.88 -7.40
N GLN A 129 -11.08 -22.90 -8.72
CA GLN A 129 -9.99 -22.18 -9.43
C GLN A 129 -10.39 -20.77 -9.90
N ILE A 130 -9.66 -19.75 -9.45
CA ILE A 130 -10.06 -18.38 -9.72
C ILE A 130 -9.27 -17.76 -10.86
N SER A 131 -9.95 -17.50 -11.98
CA SER A 131 -9.33 -16.83 -13.11
C SER A 131 -10.06 -15.56 -13.52
N ALA A 132 -9.42 -14.74 -14.34
CA ALA A 132 -10.07 -13.51 -14.73
C ALA A 132 -10.46 -13.54 -16.21
N TRP A 133 -11.64 -13.00 -16.51
CA TRP A 133 -12.11 -12.81 -17.87
C TRP A 133 -11.81 -11.37 -18.23
N GLY A 134 -12.11 -10.96 -19.46
CA GLY A 134 -11.62 -9.69 -19.94
C GLY A 134 -12.15 -8.51 -19.16
N ILE A 135 -12.09 -7.35 -19.77
CA ILE A 135 -12.61 -6.15 -19.17
C ILE A 135 -13.85 -5.62 -19.89
N GLU A 136 -14.87 -5.20 -19.13
CA GLU A 136 -16.17 -4.84 -19.68
C GLU A 136 -16.55 -3.42 -19.34
N LEU A 137 -17.40 -2.84 -20.17
CA LEU A 137 -17.88 -1.49 -19.92
C LEU A 137 -19.38 -1.50 -19.64
N GLU A 138 -19.96 -0.33 -19.38
CA GLU A 138 -21.40 -0.22 -19.08
C GLU A 138 -22.31 0.26 -20.24
N ARG A 139 -22.49 1.57 -20.32
CA ARG A 139 -23.51 2.17 -21.20
C ARG A 139 -23.42 1.77 -22.69
N ASP A 140 -23.67 2.76 -23.55
CA ASP A 140 -23.41 2.66 -24.98
C ASP A 140 -23.45 1.22 -25.52
N LEU A 148 -17.99 6.72 -18.34
CA LEU A 148 -17.48 5.45 -18.88
C LEU A 148 -16.97 4.57 -17.76
N SER A 149 -17.62 3.43 -17.58
CA SER A 149 -17.40 2.62 -16.42
C SER A 149 -17.01 1.20 -16.82
N PRO A 150 -15.78 0.78 -16.47
CA PRO A 150 -15.20 -0.49 -16.81
C PRO A 150 -15.11 -1.40 -15.61
N SER A 151 -15.06 -2.71 -15.83
CA SER A 151 -14.94 -3.63 -14.72
C SER A 151 -14.19 -4.87 -15.13
N LEU A 152 -13.34 -5.37 -14.26
CA LEU A 152 -12.68 -6.61 -14.58
C LEU A 152 -13.63 -7.69 -14.11
N ARG A 153 -13.72 -8.79 -14.84
CA ARG A 153 -14.64 -9.83 -14.48
C ARG A 153 -13.91 -11.05 -14.00
N ILE A 154 -14.25 -11.54 -12.80
CA ILE A 154 -13.55 -12.68 -12.19
C ILE A 154 -14.45 -13.87 -12.02
N LEU A 155 -13.92 -15.07 -12.24
CA LEU A 155 -14.73 -16.27 -12.30
C LEU A 155 -14.22 -17.39 -11.40
N MET A 156 -15.12 -18.11 -10.76
CA MET A 156 -14.72 -19.28 -9.99
C MET A 156 -15.84 -20.32 -9.96
N PRO A 157 -15.53 -21.56 -10.34
CA PRO A 157 -16.49 -22.65 -10.21
C PRO A 157 -16.52 -23.02 -8.76
N ILE A 158 -17.71 -23.33 -8.24
CA ILE A 158 -17.91 -23.62 -6.83
C ILE A 158 -18.45 -25.03 -6.61
N SER A 159 -17.83 -25.80 -5.72
CA SER A 159 -18.40 -27.11 -5.38
C SER A 159 -18.38 -27.46 -3.89
N VAL A 160 -19.38 -28.25 -3.49
CA VAL A 160 -19.54 -28.80 -2.16
C VAL A 160 -19.20 -30.28 -2.19
N ASN A 161 -18.11 -30.69 -1.52
CA ASN A 161 -17.70 -32.11 -1.55
C ASN A 161 -17.43 -32.50 -3.00
N ASP A 162 -16.34 -31.92 -3.51
CA ASP A 162 -16.00 -31.96 -4.93
C ASP A 162 -17.18 -32.21 -5.90
N VAL A 163 -18.36 -31.73 -5.52
CA VAL A 163 -19.53 -31.79 -6.38
C VAL A 163 -19.94 -30.38 -6.81
N ARG A 164 -19.64 -30.02 -8.06
CA ARG A 164 -19.93 -28.67 -8.55
C ARG A 164 -21.38 -28.25 -8.30
N GLN A 165 -21.61 -26.96 -8.15
CA GLN A 165 -22.94 -26.45 -7.91
C GLN A 165 -23.28 -25.20 -8.74
N GLY A 166 -22.31 -24.31 -8.93
CA GLY A 166 -22.57 -23.07 -9.64
C GLY A 166 -21.31 -22.23 -9.82
N TYR A 167 -21.48 -20.94 -10.06
CA TYR A 167 -20.32 -20.14 -10.38
C TYR A 167 -20.34 -18.80 -9.71
N LEU A 168 -19.24 -18.47 -9.04
CA LEU A 168 -19.12 -17.14 -8.51
C LEU A 168 -18.68 -16.30 -9.68
N VAL A 169 -19.28 -15.13 -9.85
CA VAL A 169 -18.74 -14.20 -10.80
C VAL A 169 -18.65 -12.83 -10.14
N LEU A 170 -17.49 -12.21 -10.27
CA LEU A 170 -17.29 -10.92 -9.62
C LEU A 170 -17.06 -9.85 -10.67
N ASN A 171 -17.52 -8.64 -10.41
CA ASN A 171 -17.11 -7.54 -11.22
C ASN A 171 -16.31 -6.54 -10.43
N VAL A 172 -14.99 -6.49 -10.64
CA VAL A 172 -14.15 -5.62 -9.85
C VAL A 172 -14.17 -4.26 -10.51
N ASP A 173 -14.51 -3.25 -9.74
CA ASP A 173 -14.54 -1.90 -10.23
C ASP A 173 -13.14 -1.27 -10.45
N ILE A 174 -12.71 -1.26 -11.72
CA ILE A 174 -11.43 -0.72 -12.11
C ILE A 174 -11.35 0.82 -12.00
N GLU A 175 -12.47 1.47 -12.21
CA GLU A 175 -12.50 2.90 -12.04
C GLU A 175 -12.17 3.20 -10.59
N TYR A 176 -12.64 2.32 -9.72
CA TYR A 176 -12.48 2.53 -8.33
C TYR A 176 -11.02 2.28 -7.93
N LEU A 177 -10.54 1.06 -8.16
CA LEU A 177 -9.14 0.76 -7.91
C LEU A 177 -8.29 1.88 -8.41
N SER A 178 -8.55 2.28 -9.66
CA SER A 178 -7.68 3.21 -10.35
C SER A 178 -7.55 4.50 -9.60
N SER A 179 -8.64 5.03 -9.09
CA SER A 179 -8.55 6.33 -8.44
C SER A 179 -8.04 6.09 -7.03
N LEU A 180 -7.86 4.83 -6.68
CA LEU A 180 -7.42 4.48 -5.36
C LEU A 180 -5.90 4.23 -5.37
N LEU A 181 -5.38 3.60 -6.43
CA LEU A 181 -3.96 3.23 -6.52
C LEU A 181 -3.05 4.08 -7.44
N ASN A 182 -3.61 4.86 -8.35
CA ASN A 182 -2.88 5.27 -9.54
C ASN A 182 -2.26 6.63 -9.50
N TYR A 183 -2.41 7.36 -8.41
CA TYR A 183 -1.75 8.66 -8.27
C TYR A 183 -0.96 8.76 -6.96
N SER A 184 0.31 9.11 -7.02
CA SER A 184 1.09 9.24 -5.81
C SER A 184 1.36 10.71 -5.47
N PRO A 185 0.68 11.25 -4.45
CA PRO A 185 0.81 12.71 -4.24
C PRO A 185 2.19 13.11 -3.73
N VAL A 186 2.81 12.27 -2.90
CA VAL A 186 4.10 12.67 -2.41
C VAL A 186 5.01 12.85 -3.61
N ARG A 187 4.99 11.91 -4.55
CA ARG A 187 5.92 11.97 -5.70
C ARG A 187 5.34 12.59 -6.97
N ASP A 188 4.03 12.81 -6.99
CA ASP A 188 3.35 13.36 -8.15
C ASP A 188 3.55 12.53 -9.41
N PHE A 189 3.29 11.23 -9.35
CA PHE A 189 3.40 10.31 -10.49
C PHE A 189 2.07 9.67 -10.73
N HIS A 190 1.66 9.69 -12.00
CA HIS A 190 0.41 9.04 -12.41
C HIS A 190 0.89 7.71 -12.86
N ILE A 191 0.29 6.61 -12.38
CA ILE A 191 0.66 5.27 -12.86
C ILE A 191 -0.39 4.81 -13.85
N GLU A 192 -0.04 4.67 -15.14
CA GLU A 192 -1.06 4.20 -16.09
C GLU A 192 -1.03 2.67 -16.12
N LEU A 193 -2.10 2.05 -16.62
CA LEU A 193 -2.19 0.57 -16.68
C LEU A 193 -2.41 0.16 -18.11
N VAL A 194 -1.57 -0.73 -18.58
CA VAL A 194 -1.48 -1.08 -19.98
C VAL A 194 -1.57 -2.55 -19.97
N LYS A 195 -2.50 -3.11 -20.75
CA LYS A 195 -2.66 -4.59 -20.81
C LYS A 195 -1.62 -5.22 -21.68
N HIS A 196 -1.49 -6.51 -21.59
CA HIS A 196 -0.53 -7.21 -22.44
C HIS A 196 -0.79 -7.04 -23.96
N LYS A 197 -2.02 -6.76 -24.36
CA LYS A 197 -2.33 -6.63 -25.76
C LYS A 197 -1.89 -5.27 -26.27
N GLY A 198 -1.41 -4.42 -25.34
CA GLY A 198 -1.04 -3.05 -25.71
C GLY A 198 -2.02 -1.91 -25.47
N PHE A 199 -3.24 -2.20 -25.03
CA PHE A 199 -4.28 -1.18 -24.83
C PHE A 199 -4.39 -0.73 -23.39
N TYR A 200 -4.68 0.56 -23.23
CA TYR A 200 -4.74 1.20 -21.94
C TYR A 200 -6.09 0.88 -21.30
N ILE A 201 -6.06 0.56 -19.99
CA ILE A 201 -7.27 0.46 -19.19
C ILE A 201 -7.28 1.44 -18.04
N ALA A 202 -6.23 2.23 -17.88
CA ALA A 202 -6.29 3.33 -16.89
C ALA A 202 -5.36 4.44 -17.25
N SER A 203 -5.81 5.68 -17.14
CA SER A 203 -4.88 6.79 -17.40
C SER A 203 -5.38 8.21 -16.98
N PRO A 204 -4.45 9.09 -16.55
CA PRO A 204 -5.00 10.42 -16.31
C PRO A 204 -5.68 10.89 -17.58
N ASP A 205 -5.19 10.49 -18.74
CA ASP A 205 -5.79 10.88 -20.02
C ASP A 205 -6.92 9.92 -20.47
N GLU A 206 -8.16 10.35 -20.31
CA GLU A 206 -9.29 9.45 -20.48
C GLU A 206 -9.49 9.06 -21.96
N SER A 207 -9.18 10.00 -22.85
CA SER A 207 -9.49 9.79 -24.24
C SER A 207 -8.74 8.60 -24.87
N ARG A 208 -7.65 8.15 -24.22
CA ARG A 208 -6.83 7.05 -24.76
C ARG A 208 -7.23 5.65 -24.25
N LEU A 209 -8.20 5.61 -23.34
CA LEU A 209 -8.66 4.36 -22.73
C LEU A 209 -9.45 3.38 -23.64
N TYR A 210 -9.21 2.07 -23.48
CA TYR A 210 -10.04 1.02 -24.08
C TYR A 210 -9.98 0.97 -25.60
N GLY A 211 -8.84 1.18 -26.19
CA GLY A 211 -8.79 1.19 -27.64
C GLY A 211 -9.26 -0.10 -28.31
N ASP A 212 -9.28 -1.23 -27.58
CA ASP A 212 -9.77 -2.49 -28.16
C ASP A 212 -11.28 -2.70 -27.93
N ILE A 213 -11.99 -1.68 -27.45
CA ILE A 213 -13.42 -1.75 -27.26
C ILE A 213 -14.06 -0.61 -28.04
N ILE A 214 -13.46 0.57 -27.95
CA ILE A 214 -13.91 1.71 -28.70
C ILE A 214 -13.00 1.94 -29.90
N PRO A 215 -13.49 1.51 -31.08
CA PRO A 215 -12.83 1.53 -32.41
C PRO A 215 -12.20 2.87 -32.76
N GLU A 216 -12.79 3.97 -32.35
CA GLU A 216 -12.17 5.24 -32.68
C GLU A 216 -10.97 5.59 -31.78
N ARG A 217 -10.60 4.64 -30.89
CA ARG A 217 -9.43 4.79 -30.00
C ARG A 217 -8.32 3.79 -30.33
N SER A 218 -8.59 2.99 -31.34
CA SER A 218 -7.71 1.89 -31.63
C SER A 218 -6.24 2.28 -31.86
N GLN A 219 -5.99 3.53 -32.21
CA GLN A 219 -4.60 3.95 -32.39
C GLN A 219 -3.91 4.16 -31.06
N PHE A 220 -4.69 4.19 -29.97
CA PHE A 220 -4.16 4.30 -28.62
C PHE A 220 -3.70 2.95 -28.09
N ASN A 221 -2.65 2.42 -28.72
CA ASN A 221 -2.06 1.14 -28.30
C ASN A 221 -0.58 1.33 -28.07
N PHE A 222 -0.03 0.79 -26.98
CA PHE A 222 1.35 1.08 -26.68
C PHE A 222 2.32 0.62 -27.75
N SER A 223 2.00 -0.45 -28.50
CA SER A 223 3.02 -0.98 -29.42
C SER A 223 3.21 0.02 -30.52
N ASN A 224 2.19 0.84 -30.70
CA ASN A 224 2.12 1.74 -31.84
C ASN A 224 2.40 3.17 -31.35
N MET A 225 2.19 3.47 -30.09
CA MET A 225 2.65 4.78 -29.64
C MET A 225 4.12 4.77 -29.28
N TYR A 226 4.68 3.64 -28.84
CA TYR A 226 6.08 3.58 -28.38
C TYR A 226 6.77 2.31 -28.85
N PRO A 227 6.99 2.22 -30.17
CA PRO A 227 7.29 1.02 -30.92
C PRO A 227 8.60 0.47 -30.43
N ASP A 228 9.49 1.36 -30.05
CA ASP A 228 10.77 0.89 -29.63
C ASP A 228 10.79 0.43 -28.19
N ILE A 229 9.89 0.97 -27.36
CA ILE A 229 9.94 0.60 -25.95
C ILE A 229 9.08 -0.61 -25.62
N TRP A 230 7.87 -0.63 -26.18
CA TRP A 230 6.94 -1.77 -26.04
C TRP A 230 7.61 -3.14 -25.89
N PRO A 231 8.54 -3.47 -26.77
CA PRO A 231 9.19 -4.77 -26.55
C PRO A 231 9.84 -5.05 -25.17
N ARG A 232 10.46 -4.06 -24.53
CA ARG A 232 11.12 -4.29 -23.26
C ARG A 232 10.01 -4.51 -22.22
N VAL A 233 9.04 -3.61 -22.24
CA VAL A 233 7.88 -3.69 -21.40
C VAL A 233 7.28 -5.10 -21.50
N VAL A 234 7.28 -5.66 -22.70
CA VAL A 234 6.67 -6.96 -22.88
C VAL A 234 7.47 -8.10 -22.24
N SER A 235 8.80 -8.01 -22.30
CA SER A 235 9.60 -9.21 -22.06
C SER A 235 10.35 -9.11 -20.80
N GLU A 236 10.32 -7.91 -20.19
CA GLU A 236 11.11 -7.67 -18.98
C GLU A 236 10.18 -7.33 -17.82
N GLN A 237 10.60 -7.71 -16.62
CA GLN A 237 9.81 -7.51 -15.44
C GLN A 237 9.81 -6.02 -15.02
N ALA A 238 10.86 -5.28 -15.31
CA ALA A 238 10.83 -3.89 -14.93
C ALA A 238 11.98 -3.19 -15.56
N GLY A 239 11.94 -1.85 -15.59
CA GLY A 239 13.05 -1.08 -16.14
C GLY A 239 12.56 0.27 -16.62
N TYR A 240 13.41 1.01 -17.33
CA TYR A 240 12.93 2.20 -18.05
C TYR A 240 13.65 2.39 -19.38
N SER A 241 13.20 3.38 -20.14
CA SER A 241 13.76 3.66 -21.43
C SER A 241 13.49 5.08 -21.72
N TYR A 242 14.45 5.78 -22.34
CA TYR A 242 14.23 7.17 -22.85
C TYR A 242 14.22 7.06 -24.39
N SER A 243 13.25 7.65 -25.07
CA SER A 243 13.17 7.54 -26.53
C SER A 243 13.62 8.89 -27.04
N GLY A 244 14.14 9.72 -26.13
CA GLY A 244 14.46 11.14 -26.44
C GLY A 244 13.24 12.03 -26.63
N GLU A 245 12.04 11.51 -26.42
CA GLU A 245 10.86 12.38 -26.31
C GLU A 245 10.11 12.21 -24.98
N HIS A 246 10.08 10.96 -24.51
CA HIS A 246 9.41 10.55 -23.30
C HIS A 246 10.38 9.64 -22.62
N LEU A 247 10.41 9.73 -21.30
CA LEU A 247 10.97 8.66 -20.48
C LEU A 247 9.81 7.75 -20.10
N ILE A 248 10.02 6.45 -20.19
CA ILE A 248 8.99 5.50 -19.90
C ILE A 248 9.54 4.46 -18.95
N ALA A 249 8.94 4.43 -17.77
CA ALA A 249 9.36 3.51 -16.76
C ALA A 249 8.21 2.51 -16.64
N PHE A 250 8.51 1.24 -16.42
CA PHE A 250 7.47 0.21 -16.45
C PHE A 250 7.79 -0.94 -15.47
N SER A 251 6.77 -1.61 -14.96
CA SER A 251 6.98 -2.96 -14.43
C SER A 251 5.71 -3.79 -14.44
N SER A 252 5.84 -5.01 -14.94
CA SER A 252 4.72 -5.88 -15.16
C SER A 252 4.36 -6.65 -13.89
N ILE A 253 3.07 -6.87 -13.65
CA ILE A 253 2.68 -7.81 -12.61
C ILE A 253 1.68 -8.78 -13.15
N LYS A 254 1.28 -9.72 -12.30
CA LYS A 254 0.19 -10.62 -12.63
C LYS A 254 -1.01 -10.17 -11.87
N PHE A 255 -2.15 -10.03 -12.53
CA PHE A 255 -3.35 -9.60 -11.82
C PHE A 255 -4.56 -10.54 -11.93
N VAL A 256 -4.64 -11.55 -11.07
CA VAL A 256 -5.79 -12.41 -11.00
C VAL A 256 -5.88 -13.40 -12.17
N SER A 257 -5.57 -12.94 -13.37
CA SER A 257 -5.48 -13.92 -14.44
C SER A 257 -4.08 -14.47 -14.17
N ASN A 258 -3.27 -14.57 -15.20
CA ASN A 258 -1.85 -14.52 -15.01
C ASN A 258 -1.38 -14.04 -16.38
N GLU A 259 -2.31 -13.27 -16.95
CA GLU A 259 -2.05 -12.26 -17.97
C GLU A 259 -1.26 -11.12 -17.36
N PRO A 260 -0.12 -10.80 -17.95
CA PRO A 260 0.64 -9.72 -17.40
C PRO A 260 -0.13 -8.43 -17.55
N LEU A 261 -0.12 -7.64 -16.50
CA LEU A 261 -0.61 -6.31 -16.58
C LEU A 261 0.59 -5.34 -16.45
N HIS A 262 0.74 -4.35 -17.33
CA HIS A 262 1.89 -3.44 -17.26
C HIS A 262 1.58 -2.07 -16.63
N LEU A 263 2.21 -1.79 -15.48
CA LEU A 263 2.06 -0.47 -14.85
C LEU A 263 3.08 0.46 -15.51
N ILE A 264 2.64 1.64 -15.90
CA ILE A 264 3.50 2.52 -16.65
C ILE A 264 3.58 3.89 -15.99
N ILE A 265 4.78 4.42 -15.83
CA ILE A 265 4.92 5.86 -15.63
C ILE A 265 5.63 6.46 -16.85
N ASP A 266 5.08 7.57 -17.37
CA ASP A 266 5.47 8.05 -18.66
C ASP A 266 5.58 9.55 -18.61
N LEU A 267 6.79 10.08 -18.78
CA LEU A 267 6.96 11.49 -18.67
C LEU A 267 7.52 12.09 -19.98
N SER A 268 6.89 13.14 -20.44
CA SER A 268 7.42 13.80 -21.58
C SER A 268 8.59 14.69 -21.16
N ASN A 269 9.45 15.00 -22.13
CA ASN A 269 10.47 16.02 -21.97
C ASN A 269 10.03 17.23 -21.14
N GLU A 270 9.00 17.95 -21.61
CA GLU A 270 8.38 19.02 -20.81
C GLU A 270 8.15 18.58 -19.35
N GLN A 271 7.62 17.40 -19.13
CA GLN A 271 7.32 17.01 -17.78
C GLN A 271 8.58 16.78 -17.02
N LEU A 272 9.58 16.29 -17.69
CA LEU A 272 10.85 16.14 -17.06
C LEU A 272 11.38 17.48 -16.55
N SER A 273 10.47 18.43 -16.34
CA SER A 273 10.69 19.71 -15.64
C SER A 273 10.42 19.52 -14.17
N LYS A 274 11.14 18.61 -13.58
CA LYS A 274 10.84 18.27 -12.24
C LYS A 274 11.59 19.15 -11.26
N ARG A 275 10.86 20.13 -10.69
CA ARG A 275 11.22 21.01 -9.52
C ARG A 275 10.71 20.53 -8.17
N ALA A 276 10.29 21.45 -7.31
CA ALA A 276 10.11 21.12 -5.89
C ALA A 276 9.43 22.14 -4.92
N THR A 277 8.58 21.63 -4.02
CA THR A 277 7.73 22.48 -3.15
C THR A 277 7.67 22.10 -1.69
N LEU B 8 3.38 -30.85 10.66
CA LEU B 8 2.82 -29.90 9.69
C LEU B 8 1.53 -29.27 10.15
N ALA B 9 0.42 -29.64 9.54
CA ALA B 9 -0.87 -29.42 10.15
C ALA B 9 -1.94 -28.95 9.23
N ASN B 10 -1.54 -28.57 8.03
CA ASN B 10 -2.43 -28.29 6.90
C ASN B 10 -3.28 -27.04 6.92
N ASN B 11 -4.30 -27.00 7.74
CA ASN B 11 -5.00 -25.75 7.94
C ASN B 11 -4.01 -24.69 8.41
N VAL B 12 -3.14 -25.06 9.32
CA VAL B 12 -2.18 -24.17 9.89
C VAL B 12 -1.15 -23.74 8.87
N GLU B 13 -0.77 -24.63 7.97
CA GLU B 13 0.24 -24.27 6.99
C GLU B 13 -0.30 -23.26 5.96
N ASN B 14 -1.59 -23.34 5.68
CA ASN B 14 -2.24 -22.38 4.80
C ASN B 14 -2.19 -21.04 5.46
N THR B 15 -2.61 -21.01 6.71
CA THR B 15 -2.66 -19.78 7.45
C THR B 15 -1.32 -19.06 7.45
N ALA B 16 -0.24 -19.82 7.62
CA ALA B 16 1.06 -19.19 7.61
C ALA B 16 1.25 -18.54 6.27
N LYS B 17 0.87 -19.24 5.20
CA LYS B 17 1.20 -18.78 3.82
C LYS B 17 0.53 -17.41 3.58
N GLU B 18 -0.69 -17.30 4.04
CA GLU B 18 -1.39 -16.06 3.95
C GLU B 18 -0.72 -14.96 4.78
N ALA B 19 -0.35 -15.31 6.02
CA ALA B 19 0.32 -14.41 6.95
C ALA B 19 1.59 -13.85 6.32
N LEU B 20 2.29 -14.69 5.54
CA LEU B 20 3.50 -14.28 4.78
C LEU B 20 3.20 -13.37 3.58
N HIS B 21 2.14 -13.65 2.85
CA HIS B 21 1.69 -12.66 1.87
C HIS B 21 1.45 -11.31 2.53
N GLN B 22 0.75 -11.34 3.67
CA GLN B 22 0.39 -10.08 4.32
C GLN B 22 1.64 -9.29 4.64
N LEU B 23 2.66 -9.97 5.18
CA LEU B 23 3.89 -9.29 5.56
C LEU B 23 4.61 -8.76 4.34
N ALA B 24 4.54 -9.49 3.25
CA ALA B 24 5.01 -8.92 2.00
C ALA B 24 4.24 -7.63 1.67
N TYR B 25 2.92 -7.61 1.80
CA TYR B 25 2.30 -6.39 1.34
C TYR B 25 2.71 -5.21 2.24
N THR B 26 2.33 -5.35 3.52
CA THR B 26 2.59 -4.33 4.52
C THR B 26 4.05 -3.93 4.51
N GLY B 27 4.90 -4.90 4.22
CA GLY B 27 6.28 -4.52 4.27
C GLY B 27 6.58 -3.48 3.22
N ARG B 28 5.97 -3.66 2.06
CA ARG B 28 6.18 -2.77 0.96
C ARG B 28 5.61 -1.38 1.27
N GLU B 29 4.44 -1.35 1.84
CA GLU B 29 3.85 -0.11 2.33
C GLU B 29 4.84 0.64 3.19
N TYR B 30 5.48 -0.08 4.10
CA TYR B 30 6.49 0.55 4.97
C TYR B 30 7.64 1.10 4.15
N ASN B 31 8.09 0.31 3.18
CA ASN B 31 9.14 0.77 2.29
C ASN B 31 8.76 2.07 1.66
N ASN B 32 7.47 2.17 1.30
CA ASN B 32 7.03 3.35 0.63
C ASN B 32 7.14 4.53 1.63
N ILE B 33 6.50 4.41 2.78
CA ILE B 33 6.47 5.52 3.73
C ILE B 33 7.87 6.01 3.97
N GLN B 34 8.82 5.06 4.03
CA GLN B 34 10.17 5.47 4.31
C GLN B 34 10.78 6.30 3.19
N ASP B 35 10.38 5.98 1.97
CA ASP B 35 10.91 6.68 0.83
C ASP B 35 10.21 8.02 0.73
N GLN B 36 8.93 8.03 1.13
CA GLN B 36 8.19 9.26 1.27
C GLN B 36 8.97 10.12 2.26
N ILE B 37 9.30 9.53 3.43
CA ILE B 37 9.99 10.25 4.46
C ILE B 37 11.25 10.94 3.94
N GLU B 38 11.94 10.29 3.03
CA GLU B 38 13.26 10.80 2.57
C GLU B 38 13.05 11.83 1.47
N THR B 39 12.02 11.61 0.70
CA THR B 39 11.60 12.60 -0.26
C THR B 39 11.22 13.90 0.43
N ILE B 40 10.34 13.82 1.42
CA ILE B 40 9.90 15.04 2.11
C ILE B 40 11.05 15.82 2.75
N SER B 41 12.00 15.10 3.34
CA SER B 41 13.17 15.70 3.94
C SER B 41 13.94 16.51 2.96
N ASP B 42 14.08 15.98 1.76
CA ASP B 42 14.87 16.71 0.82
C ASP B 42 14.14 17.98 0.35
N LEU B 43 12.85 17.87 0.04
CA LEU B 43 12.07 19.05 -0.34
C LEU B 43 12.14 20.02 0.82
N LEU B 44 11.87 19.55 2.02
CA LEU B 44 11.99 20.43 3.17
C LEU B 44 13.40 21.03 3.22
N GLY B 45 14.42 20.20 3.12
CA GLY B 45 15.81 20.66 3.11
C GLY B 45 16.13 21.74 2.08
N HIS B 46 15.43 21.75 0.95
CA HIS B 46 15.75 22.68 -0.11
C HIS B 46 14.70 23.73 -0.25
N SER B 47 13.76 23.78 0.70
CA SER B 47 12.64 24.69 0.53
C SER B 47 13.12 26.13 0.48
N GLN B 48 12.48 26.90 -0.40
CA GLN B 48 12.92 28.26 -0.63
C GLN B 48 12.91 28.99 0.70
N SER B 49 11.75 29.03 1.31
CA SER B 49 11.55 29.80 2.54
C SER B 49 12.73 29.58 3.47
N LEU B 50 13.24 28.35 3.51
CA LEU B 50 14.37 28.07 4.37
C LEU B 50 15.60 28.84 3.89
N TYR B 51 15.90 28.75 2.60
CA TYR B 51 17.03 29.52 2.07
C TYR B 51 16.90 31.00 2.48
N ASP B 52 15.76 31.63 2.13
CA ASP B 52 15.53 33.05 2.33
C ASP B 52 15.75 33.41 3.76
N TYR B 53 15.31 32.51 4.63
CA TYR B 53 15.42 32.76 6.05
C TYR B 53 16.89 32.62 6.42
N LEU B 54 17.53 31.60 5.85
CA LEU B 54 18.93 31.31 6.12
C LEU B 54 19.85 32.52 5.91
N ARG B 55 19.65 33.28 4.84
CA ARG B 55 20.51 34.45 4.57
C ARG B 55 20.01 35.69 5.29
N GLU B 56 18.71 35.89 5.26
CA GLU B 56 18.07 37.04 5.85
C GLU B 56 17.01 36.58 6.84
N PRO B 57 17.41 36.34 8.13
CA PRO B 57 16.55 35.81 9.19
C PRO B 57 15.66 36.85 9.85
N SER B 58 14.76 37.45 9.10
CA SER B 58 13.85 38.44 9.68
C SER B 58 12.74 37.71 10.45
N LYS B 59 11.62 38.40 10.70
CA LYS B 59 10.45 37.72 11.23
C LYS B 59 9.50 37.63 10.06
N ALA B 60 9.81 38.34 8.98
CA ALA B 60 8.97 38.25 7.81
C ALA B 60 9.35 36.99 7.06
N ASN B 61 10.65 36.66 7.12
CA ASN B 61 11.18 35.50 6.37
C ASN B 61 10.87 34.16 7.10
N LEU B 62 10.96 34.20 8.44
CA LEU B 62 10.47 33.13 9.31
C LEU B 62 8.99 32.81 9.04
N THR B 63 8.11 33.72 9.42
CA THR B 63 6.67 33.54 9.17
C THR B 63 6.36 32.79 7.87
N ILE B 64 7.09 33.08 6.80
CA ILE B 64 6.78 32.39 5.54
C ILE B 64 7.15 30.92 5.72
N LEU B 65 8.39 30.73 6.19
CA LEU B 65 8.97 29.42 6.43
C LEU B 65 7.97 28.56 7.20
N GLU B 66 7.77 28.92 8.47
CA GLU B 66 6.65 28.37 9.29
C GLU B 66 5.33 28.10 8.54
N ASN B 67 4.77 29.12 7.91
CA ASN B 67 3.55 28.86 7.17
C ASN B 67 3.79 27.69 6.29
N MET B 68 4.88 27.75 5.56
CA MET B 68 5.12 26.73 4.56
C MET B 68 5.21 25.34 5.17
N TRP B 69 6.11 25.19 6.13
CA TRP B 69 6.33 23.88 6.73
C TRP B 69 5.05 23.42 7.40
N SER B 70 4.31 24.35 7.97
CA SER B 70 3.05 23.97 8.59
C SER B 70 2.12 23.31 7.59
N SER B 71 2.12 23.77 6.33
CA SER B 71 1.17 23.25 5.36
C SER B 71 1.56 21.85 4.99
N VAL B 72 2.86 21.59 5.11
CA VAL B 72 3.41 20.29 4.81
C VAL B 72 3.01 19.32 5.93
N ALA B 73 3.20 19.75 7.17
CA ALA B 73 2.78 18.89 8.26
C ALA B 73 1.32 18.51 8.09
N ARG B 74 0.45 19.51 8.03
CA ARG B 74 -0.99 19.32 7.95
C ARG B 74 -1.37 18.56 6.69
N ASN B 75 -0.47 18.51 5.71
CA ASN B 75 -0.79 17.90 4.42
C ASN B 75 -0.28 16.47 4.31
N GLN B 76 0.86 16.20 4.97
CA GLN B 76 1.42 14.86 5.04
C GLN B 76 0.94 14.05 6.21
N LYS B 77 0.46 14.72 7.25
CA LYS B 77 -0.26 14.05 8.33
C LYS B 77 0.60 13.18 9.23
N LEU B 78 1.77 12.75 8.78
CA LEU B 78 2.48 11.76 9.57
C LEU B 78 3.69 12.33 10.27
N TYR B 79 3.82 13.64 10.23
CA TYR B 79 4.84 14.25 11.09
C TYR B 79 4.25 14.96 12.28
N LYS B 80 4.41 14.34 13.45
CA LYS B 80 4.16 14.99 14.76
C LYS B 80 4.87 16.33 14.98
N GLN B 81 6.05 16.49 14.38
CA GLN B 81 6.88 17.66 14.63
C GLN B 81 7.90 17.88 13.53
N ILE B 82 8.10 19.12 13.13
CA ILE B 82 9.13 19.40 12.16
C ILE B 82 10.11 20.48 12.67
N ARG B 83 11.40 20.26 12.51
CA ARG B 83 12.30 21.20 13.14
C ARG B 83 13.57 21.52 12.40
N PHE B 84 13.91 22.81 12.40
CA PHE B 84 15.22 23.24 11.97
C PHE B 84 16.01 23.75 13.16
N LEU B 85 17.14 23.12 13.42
CA LEU B 85 18.09 23.62 14.38
C LEU B 85 19.24 24.14 13.56
N ASP B 86 19.93 25.17 14.05
CA ASP B 86 21.13 25.69 13.41
C ASP B 86 22.31 24.75 13.65
N THR B 87 23.44 25.12 13.06
CA THR B 87 24.64 24.28 13.13
C THR B 87 25.04 24.19 14.59
N SER B 88 24.61 25.17 15.39
CA SER B 88 24.82 25.08 16.84
C SER B 88 23.65 24.38 17.61
N GLY B 89 22.76 23.70 16.90
CA GLY B 89 21.67 22.93 17.55
C GLY B 89 20.58 23.75 18.24
N THR B 90 20.36 24.99 17.82
CA THR B 90 19.33 25.80 18.45
C THR B 90 18.15 25.75 17.53
N GLU B 91 17.03 25.27 18.08
CA GLU B 91 15.81 25.18 17.32
C GLU B 91 15.50 26.56 16.85
N LYS B 92 15.39 26.76 15.54
CA LYS B 92 14.97 28.07 15.06
C LYS B 92 13.53 28.02 14.61
N VAL B 93 13.11 26.84 14.14
CA VAL B 93 11.73 26.59 13.69
C VAL B 93 11.29 25.26 14.27
N ARG B 94 10.05 25.18 14.72
CA ARG B 94 9.56 24.02 15.41
C ARG B 94 8.08 23.96 15.24
N ILE B 95 7.65 23.12 14.32
CA ILE B 95 6.26 23.00 13.90
C ILE B 95 5.67 21.74 14.52
N LYS B 96 4.47 21.85 15.08
CA LYS B 96 3.77 20.67 15.56
C LYS B 96 2.48 20.46 14.84
N TYR B 97 2.16 19.18 14.66
CA TYR B 97 0.93 18.79 14.00
C TYR B 97 0.26 17.73 14.83
N ASP B 98 -1.07 17.70 14.81
CA ASP B 98 -1.79 16.79 15.68
C ASP B 98 -2.94 16.16 14.94
N PHE B 99 -2.71 14.99 14.39
CA PHE B 99 -3.66 14.50 13.43
C PHE B 99 -5.04 14.21 14.00
N LYS B 100 -5.18 14.31 15.31
CA LYS B 100 -6.50 14.18 15.95
C LYS B 100 -7.39 15.36 15.62
N THR B 101 -6.80 16.57 15.67
CA THR B 101 -7.52 17.82 15.40
C THR B 101 -7.16 18.30 14.03
N SER B 102 -5.95 17.96 13.62
CA SER B 102 -5.38 18.28 12.28
C SER B 102 -4.92 19.70 12.10
N ILE B 103 -4.44 20.30 13.17
CA ILE B 103 -3.91 21.60 12.99
C ILE B 103 -2.42 21.46 13.14
N ALA B 104 -1.71 22.15 12.25
CA ALA B 104 -0.30 22.29 12.33
C ALA B 104 -0.08 23.73 12.68
N GLY B 105 0.94 24.05 13.47
CA GLY B 105 1.22 25.43 13.64
C GLY B 105 2.50 25.54 14.38
N PRO B 106 3.11 26.71 14.28
CA PRO B 106 4.37 26.97 14.93
C PRO B 106 4.17 26.91 16.41
N SER B 107 5.20 26.47 17.11
CA SER B 107 5.27 26.65 18.55
C SER B 107 5.99 28.02 18.79
N LEU B 108 5.80 28.64 19.97
CA LEU B 108 6.62 29.84 20.29
C LEU B 108 7.87 29.48 21.11
N ILE B 109 7.86 28.28 21.72
CA ILE B 109 8.97 27.81 22.55
C ILE B 109 10.11 27.22 21.77
N LEU B 110 11.23 27.91 21.70
CA LEU B 110 12.39 27.36 21.01
C LEU B 110 13.45 27.02 22.05
N ARG B 111 14.17 25.92 21.85
CA ARG B 111 15.10 25.48 22.86
C ARG B 111 16.47 25.10 22.28
N ASP B 112 17.50 25.35 23.07
CA ASP B 112 18.79 24.80 22.78
C ASP B 112 18.66 23.31 23.09
N LYS B 113 19.37 22.49 22.32
CA LYS B 113 19.28 21.04 22.44
C LYS B 113 20.62 20.41 22.11
N SER B 114 21.64 21.23 21.92
CA SER B 114 22.97 20.68 21.65
C SER B 114 23.42 19.68 22.73
N ALA B 115 22.68 19.64 23.84
CA ALA B 115 22.99 18.72 24.95
C ALA B 115 22.65 17.27 24.58
N ARG B 116 21.48 17.09 23.99
CA ARG B 116 20.92 15.76 23.70
C ARG B 116 21.83 14.94 22.78
N GLU B 117 21.82 13.63 23.01
CA GLU B 117 22.70 12.70 22.32
C GLU B 117 22.48 12.67 20.81
N TYR B 118 21.20 12.62 20.43
CA TYR B 118 20.85 12.45 19.03
C TYR B 118 21.35 13.59 18.15
N PHE B 119 21.48 14.78 18.73
CA PHE B 119 22.01 15.91 17.99
C PHE B 119 23.48 15.70 17.68
N LYS B 120 24.23 15.23 18.67
CA LYS B 120 25.62 14.86 18.45
C LYS B 120 25.69 13.81 17.35
N TYR B 121 24.87 12.77 17.44
CA TYR B 121 24.70 11.84 16.33
C TYR B 121 24.51 12.62 15.02
N ALA B 122 23.49 13.48 15.00
CA ALA B 122 23.23 14.37 13.88
C ALA B 122 24.56 14.91 13.35
N GLN B 123 25.29 15.54 14.25
CA GLN B 123 26.65 15.96 13.96
C GLN B 123 27.33 15.01 12.97
N SER B 124 27.68 13.82 13.47
CA SER B 124 28.47 12.84 12.74
C SER B 124 27.83 12.40 11.42
N LEU B 125 27.05 13.28 10.80
CA LEU B 125 26.29 12.92 9.63
C LEU B 125 26.72 13.73 8.41
N ASP B 126 26.92 13.08 7.27
CA ASP B 126 27.29 13.82 6.08
C ASP B 126 26.18 14.80 5.74
N ASN B 127 26.52 15.86 5.01
CA ASN B 127 25.50 16.75 4.49
C ASN B 127 24.45 15.98 3.68
N GLU B 128 23.17 16.24 3.96
CA GLU B 128 22.04 15.71 3.19
C GLU B 128 21.85 14.20 3.38
N GLN B 129 22.51 13.63 4.39
CA GLN B 129 22.35 12.22 4.74
C GLN B 129 21.23 12.00 5.77
N ILE B 130 20.23 11.20 5.41
CA ILE B 130 19.06 10.99 6.27
C ILE B 130 19.13 9.71 7.05
N SER B 131 19.30 9.81 8.36
CA SER B 131 19.28 8.63 9.23
C SER B 131 18.18 8.73 10.30
N ALA B 132 17.91 7.63 11.00
CA ALA B 132 16.94 7.65 12.07
C ALA B 132 17.62 7.51 13.44
N TRP B 133 17.08 8.21 14.44
CA TRP B 133 17.42 8.08 15.84
C TRP B 133 16.38 7.19 16.55
N GLY B 134 16.55 6.97 17.84
CA GLY B 134 15.71 6.02 18.52
C GLY B 134 14.24 6.39 18.46
N ILE B 135 13.45 5.77 19.35
CA ILE B 135 12.05 6.04 19.42
C ILE B 135 11.77 6.75 20.73
N GLU B 136 10.94 7.79 20.67
CA GLU B 136 10.61 8.64 21.82
C GLU B 136 9.11 8.60 22.19
N LEU B 137 8.84 8.85 23.47
CA LEU B 137 7.48 8.97 23.94
C LEU B 137 7.16 10.43 24.33
N GLU B 138 5.96 10.66 24.86
CA GLU B 138 5.55 11.99 25.34
C GLU B 138 5.49 12.06 26.86
N VAL B 145 4.15 10.73 31.03
CA VAL B 145 3.52 11.74 30.17
C VAL B 145 2.32 11.14 29.41
N TYR B 146 1.71 10.11 30.00
CA TYR B 146 0.71 9.28 29.29
C TYR B 146 -0.36 10.07 28.54
N PRO B 147 -1.24 9.36 27.83
CA PRO B 147 -1.08 7.93 27.54
C PRO B 147 -1.49 7.62 26.08
N LEU B 148 -0.64 7.02 25.24
CA LEU B 148 0.81 6.86 25.40
C LEU B 148 1.31 6.99 23.93
N SER B 149 2.08 8.04 23.65
CA SER B 149 2.35 8.45 22.29
C SER B 149 3.84 8.40 21.96
N PRO B 150 4.19 7.70 20.87
CA PRO B 150 5.57 7.40 20.48
C PRO B 150 5.91 7.96 19.14
N SER B 151 7.18 8.25 18.92
CA SER B 151 7.51 8.86 17.66
C SER B 151 8.92 8.47 17.25
N LEU B 152 9.11 8.22 15.96
CA LEU B 152 10.40 7.86 15.48
C LEU B 152 11.03 9.16 15.09
N ARG B 153 12.33 9.30 15.34
CA ARG B 153 12.96 10.58 15.16
C ARG B 153 13.96 10.53 14.01
N ILE B 154 13.82 11.44 13.05
CA ILE B 154 14.62 11.41 11.83
C ILE B 154 15.52 12.64 11.67
N LEU B 155 16.76 12.43 11.25
CA LEU B 155 17.74 13.52 11.25
C LEU B 155 18.41 13.76 9.89
N MET B 156 18.58 15.03 9.52
CA MET B 156 19.30 15.32 8.28
C MET B 156 20.10 16.62 8.30
N PRO B 157 21.43 16.51 8.15
CA PRO B 157 22.21 17.73 8.08
C PRO B 157 21.91 18.43 6.77
N ILE B 158 21.77 19.76 6.81
CA ILE B 158 21.40 20.58 5.65
C ILE B 158 22.51 21.58 5.23
N SER B 159 22.86 21.58 3.96
CA SER B 159 23.82 22.58 3.50
C SER B 159 23.41 23.25 2.20
N VAL B 160 23.88 24.49 2.05
CA VAL B 160 23.72 25.28 0.84
C VAL B 160 25.06 25.44 0.15
N ASN B 161 25.24 24.84 -1.02
CA ASN B 161 26.57 24.87 -1.66
C ASN B 161 27.60 24.21 -0.74
N ASP B 162 27.50 22.89 -0.62
CA ASP B 162 28.21 22.14 0.41
C ASP B 162 28.71 22.92 1.63
N VAL B 163 27.95 23.93 2.03
CA VAL B 163 28.23 24.62 3.28
C VAL B 163 27.08 24.42 4.28
N ARG B 164 27.33 23.61 5.32
CA ARG B 164 26.28 23.27 6.31
C ARG B 164 25.60 24.51 6.88
N GLN B 165 24.38 24.35 7.37
CA GLN B 165 23.68 25.49 7.93
C GLN B 165 22.86 25.11 9.14
N GLY B 166 22.41 23.88 9.21
CA GLY B 166 21.48 23.48 10.28
C GLY B 166 21.02 22.05 10.10
N TYR B 167 19.96 21.70 10.82
CA TYR B 167 19.53 20.32 10.93
C TYR B 167 18.03 20.19 10.84
N LEU B 168 17.58 19.32 9.94
CA LEU B 168 16.16 19.05 9.88
C LEU B 168 16.07 17.98 10.89
N VAL B 169 15.06 18.02 11.75
CA VAL B 169 14.72 16.86 12.55
C VAL B 169 13.25 16.65 12.38
N LEU B 170 12.86 15.40 12.14
CA LEU B 170 11.43 15.03 11.98
C LEU B 170 11.00 14.10 13.07
N ASN B 171 9.72 14.15 13.44
CA ASN B 171 9.19 13.17 14.34
C ASN B 171 8.06 12.45 13.67
N VAL B 172 8.34 11.26 13.16
CA VAL B 172 7.32 10.48 12.52
C VAL B 172 6.38 9.90 13.54
N ASP B 173 5.08 10.10 13.33
CA ASP B 173 4.07 9.54 14.23
C ASP B 173 3.81 8.04 14.07
N ILE B 174 4.44 7.25 14.94
CA ILE B 174 4.27 5.80 14.92
C ILE B 174 2.87 5.35 15.31
N GLU B 175 2.27 6.04 16.27
CA GLU B 175 0.89 5.71 16.63
C GLU B 175 0.02 5.87 15.39
N TYR B 176 0.39 6.83 14.56
CA TYR B 176 -0.41 7.13 13.42
C TYR B 176 -0.17 6.04 12.37
N LEU B 177 1.06 5.94 11.88
CA LEU B 177 1.43 4.89 10.96
C LEU B 177 0.82 3.58 11.34
N SER B 178 0.97 3.20 12.59
CA SER B 178 0.54 1.88 13.03
C SER B 178 -0.93 1.66 12.78
N SER B 179 -1.75 2.65 13.13
CA SER B 179 -3.18 2.45 12.99
C SER B 179 -3.55 2.53 11.51
N LEU B 180 -2.58 2.93 10.73
CA LEU B 180 -2.83 3.09 9.34
C LEU B 180 -2.34 1.84 8.55
N LEU B 181 -1.28 1.18 9.02
CA LEU B 181 -0.73 0.05 8.30
C LEU B 181 -0.89 -1.30 8.94
N ASN B 182 -1.24 -1.39 10.21
CA ASN B 182 -0.99 -2.63 10.94
C ASN B 182 -2.13 -3.63 11.10
N TYR B 183 -3.29 -3.35 10.52
CA TYR B 183 -4.41 -4.26 10.55
C TYR B 183 -4.98 -4.49 9.13
N SER B 184 -5.04 -5.73 8.72
CA SER B 184 -5.71 -6.05 7.47
C SER B 184 -7.15 -6.59 7.67
N PRO B 185 -8.17 -5.75 7.46
CA PRO B 185 -9.54 -6.25 7.57
C PRO B 185 -9.85 -7.44 6.60
N VAL B 186 -9.53 -7.33 5.30
CA VAL B 186 -9.85 -8.43 4.45
C VAL B 186 -9.35 -9.70 5.13
N ARG B 187 -8.09 -9.74 5.58
CA ARG B 187 -7.49 -11.02 6.11
C ARG B 187 -7.57 -11.17 7.63
N ASP B 188 -7.91 -10.08 8.32
CA ASP B 188 -8.02 -10.09 9.78
C ASP B 188 -6.68 -10.45 10.48
N PHE B 189 -5.58 -9.84 10.00
CA PHE B 189 -4.25 -10.05 10.57
C PHE B 189 -3.77 -8.78 11.22
N HIS B 190 -3.27 -8.92 12.43
CA HIS B 190 -2.67 -7.79 13.13
C HIS B 190 -1.20 -7.87 12.86
N ILE B 191 -0.57 -6.80 12.40
CA ILE B 191 0.87 -6.84 12.15
C ILE B 191 1.55 -6.15 13.32
N GLU B 192 2.36 -6.88 14.08
CA GLU B 192 3.13 -6.24 15.12
C GLU B 192 4.47 -5.78 14.61
N LEU B 193 5.03 -4.80 15.32
CA LEU B 193 6.32 -4.33 14.94
C LEU B 193 7.34 -4.58 16.03
N VAL B 194 8.40 -5.31 15.71
CA VAL B 194 9.33 -5.72 16.73
C VAL B 194 10.70 -5.20 16.35
N LYS B 195 11.36 -4.44 17.26
CA LYS B 195 12.64 -3.84 16.90
C LYS B 195 13.83 -4.83 16.94
N HIS B 196 14.99 -4.41 16.46
CA HIS B 196 16.08 -5.32 16.36
C HIS B 196 16.59 -5.65 17.72
N LYS B 197 16.18 -4.86 18.70
CA LYS B 197 16.61 -5.09 20.05
C LYS B 197 15.62 -6.05 20.75
N GLY B 198 14.58 -6.47 20.05
CA GLY B 198 13.66 -7.48 20.57
C GLY B 198 12.47 -6.89 21.27
N PHE B 199 12.40 -5.56 21.41
CA PHE B 199 11.23 -4.90 22.05
C PHE B 199 10.16 -4.40 21.06
N TYR B 200 8.93 -4.44 21.53
CA TYR B 200 7.75 -4.15 20.74
C TYR B 200 7.49 -2.67 20.65
N ILE B 201 7.20 -2.17 19.43
CA ILE B 201 6.84 -0.77 19.28
C ILE B 201 5.50 -0.60 18.60
N ALA B 202 4.80 -1.69 18.28
CA ALA B 202 3.38 -1.60 17.90
C ALA B 202 2.68 -2.93 18.13
N SER B 203 1.53 -2.89 18.79
CA SER B 203 0.80 -4.15 18.88
C SER B 203 -0.69 -4.01 19.22
N PRO B 204 -1.53 -4.98 18.81
CA PRO B 204 -2.91 -4.78 19.21
C PRO B 204 -2.89 -4.76 20.72
N ASP B 205 -2.00 -5.53 21.34
CA ASP B 205 -1.88 -5.55 22.83
C ASP B 205 -1.03 -4.40 23.37
N GLU B 206 -1.62 -3.43 24.06
CA GLU B 206 -0.84 -2.24 24.36
C GLU B 206 0.10 -2.43 25.51
N SER B 207 -0.22 -3.40 26.35
CA SER B 207 0.52 -3.50 27.59
C SER B 207 1.95 -3.99 27.31
N ARG B 208 2.18 -4.60 26.16
CA ARG B 208 3.50 -5.14 25.88
C ARG B 208 4.47 -4.16 25.20
N LEU B 209 3.98 -2.94 24.92
CA LEU B 209 4.76 -1.94 24.19
C LEU B 209 5.92 -1.24 24.98
N TYR B 210 7.02 -1.00 24.29
CA TYR B 210 8.09 -0.18 24.82
C TYR B 210 8.87 -0.77 25.99
N GLY B 211 9.00 -2.10 26.04
CA GLY B 211 9.76 -2.73 27.08
C GLY B 211 11.07 -2.03 27.42
N ASP B 212 11.70 -1.36 26.46
CA ASP B 212 13.01 -0.74 26.80
C ASP B 212 12.86 0.67 27.37
N ILE B 213 11.65 1.16 27.53
CA ILE B 213 11.48 2.50 27.99
C ILE B 213 10.72 2.42 29.32
N ILE B 214 9.75 1.53 29.37
CA ILE B 214 8.99 1.33 30.57
C ILE B 214 9.41 0.05 31.27
N PRO B 215 10.27 0.21 32.31
CA PRO B 215 10.90 -0.85 33.10
C PRO B 215 9.95 -1.94 33.48
N GLU B 216 8.70 -1.63 33.76
CA GLU B 216 7.85 -2.70 34.19
C GLU B 216 7.36 -3.60 33.03
N ARG B 217 7.82 -3.30 31.80
CA ARG B 217 7.43 -4.06 30.62
C ARG B 217 8.57 -4.84 30.02
N SER B 218 9.74 -4.71 30.64
CA SER B 218 10.98 -5.27 30.10
C SER B 218 10.86 -6.74 29.75
N GLN B 219 9.98 -7.45 30.43
CA GLN B 219 9.85 -8.87 30.10
C GLN B 219 9.24 -9.04 28.71
N PHE B 220 8.63 -7.97 28.19
CA PHE B 220 7.99 -8.04 26.87
C PHE B 220 9.03 -7.81 25.75
N ASN B 221 9.92 -8.76 25.62
CA ASN B 221 10.95 -8.75 24.62
C ASN B 221 10.87 -10.07 23.88
N PHE B 222 10.83 -10.01 22.56
CA PHE B 222 10.68 -11.19 21.73
C PHE B 222 11.76 -12.26 22.01
N SER B 223 12.97 -11.86 22.42
CA SER B 223 14.02 -12.88 22.54
C SER B 223 13.69 -13.76 23.72
N ASN B 224 12.91 -13.20 24.61
CA ASN B 224 12.60 -13.86 25.84
C ASN B 224 11.18 -14.49 25.79
N MET B 225 10.27 -13.89 25.02
CA MET B 225 8.99 -14.51 24.80
C MET B 225 9.00 -15.69 23.84
N TYR B 226 9.90 -15.69 22.84
CA TYR B 226 9.96 -16.79 21.89
C TYR B 226 11.41 -17.11 21.62
N PRO B 227 12.05 -17.75 22.61
CA PRO B 227 13.50 -17.97 22.61
C PRO B 227 13.87 -18.85 21.44
N ASP B 228 12.95 -19.67 20.98
CA ASP B 228 13.30 -20.50 19.83
C ASP B 228 13.10 -19.93 18.45
N ILE B 229 12.26 -18.90 18.35
CA ILE B 229 11.96 -18.29 17.06
C ILE B 229 12.80 -17.03 16.74
N TRP B 230 12.95 -16.16 17.72
CA TRP B 230 13.87 -15.04 17.63
C TRP B 230 15.05 -15.29 16.69
N PRO B 231 15.69 -16.45 16.81
CA PRO B 231 16.87 -16.54 15.94
C PRO B 231 16.58 -16.60 14.44
N ARG B 232 15.41 -17.11 14.07
CA ARG B 232 15.07 -17.17 12.64
C ARG B 232 14.68 -15.79 12.16
N VAL B 233 13.86 -15.15 12.96
CA VAL B 233 13.57 -13.77 12.79
C VAL B 233 14.83 -12.98 12.59
N VAL B 234 15.84 -13.25 13.37
CA VAL B 234 16.91 -12.29 13.41
C VAL B 234 17.76 -12.47 12.20
N SER B 235 17.78 -13.68 11.68
CA SER B 235 18.82 -14.02 10.72
C SER B 235 18.32 -14.51 9.40
N GLU B 236 17.00 -14.57 9.24
CA GLU B 236 16.41 -14.61 7.93
C GLU B 236 15.48 -13.43 7.59
N GLN B 237 15.46 -13.09 6.31
CA GLN B 237 14.61 -12.05 5.80
C GLN B 237 13.16 -12.38 6.09
N ALA B 238 12.73 -13.62 5.87
CA ALA B 238 11.31 -13.92 6.10
C ALA B 238 11.11 -15.40 6.31
N GLY B 239 9.99 -15.78 6.90
CA GLY B 239 9.71 -17.16 7.18
C GLY B 239 8.58 -17.30 8.21
N TYR B 240 8.31 -18.54 8.63
CA TYR B 240 7.44 -18.72 9.80
C TYR B 240 7.86 -19.93 10.63
N SER B 241 7.28 -20.02 11.82
CA SER B 241 7.73 -21.03 12.77
C SER B 241 6.59 -21.34 13.66
N TYR B 242 6.34 -22.60 13.96
CA TYR B 242 5.31 -22.96 14.93
C TYR B 242 6.06 -23.49 16.11
N SER B 243 5.81 -22.97 17.31
CA SER B 243 6.45 -23.46 18.53
C SER B 243 5.51 -24.38 19.21
N GLY B 244 4.42 -24.76 18.56
CA GLY B 244 3.46 -25.65 19.22
C GLY B 244 2.49 -24.91 20.10
N GLU B 245 2.70 -23.63 20.30
CA GLU B 245 1.69 -22.84 20.98
C GLU B 245 1.25 -21.61 20.20
N HIS B 246 2.21 -20.98 19.55
CA HIS B 246 1.92 -19.88 18.65
C HIS B 246 2.53 -20.22 17.33
N LEU B 247 1.91 -19.79 16.24
CA LEU B 247 2.60 -19.76 14.95
C LEU B 247 3.03 -18.35 14.81
N ILE B 248 4.24 -18.17 14.36
CA ILE B 248 4.75 -16.85 14.25
C ILE B 248 5.33 -16.63 12.89
N ALA B 249 4.73 -15.71 12.16
CA ALA B 249 5.28 -15.34 10.86
C ALA B 249 6.00 -13.98 10.98
N PHE B 250 7.07 -13.81 10.24
CA PHE B 250 7.84 -12.64 10.34
C PHE B 250 8.47 -12.29 8.98
N SER B 251 8.79 -11.01 8.81
CA SER B 251 9.73 -10.64 7.81
C SER B 251 10.29 -9.24 8.12
N SER B 252 11.59 -9.14 7.98
CA SER B 252 12.34 -7.98 8.38
C SER B 252 12.53 -6.99 7.23
N ILE B 253 12.44 -5.71 7.52
CA ILE B 253 12.70 -4.70 6.51
C ILE B 253 13.71 -3.70 7.06
N LYS B 254 14.03 -2.71 6.24
CA LYS B 254 14.80 -1.57 6.67
C LYS B 254 13.89 -0.39 6.72
N PHE B 255 13.91 0.35 7.82
CA PHE B 255 13.04 1.50 7.96
C PHE B 255 13.79 2.78 8.31
N VAL B 256 14.34 3.43 7.30
CA VAL B 256 14.93 4.78 7.49
C VAL B 256 16.27 4.76 8.18
N SER B 257 16.41 3.97 9.23
CA SER B 257 17.75 3.80 9.71
C SER B 257 18.33 2.90 8.64
N ASN B 258 19.04 1.88 9.09
CA ASN B 258 19.15 0.62 8.35
C ASN B 258 19.41 -0.48 9.42
N GLU B 259 18.88 -0.16 10.59
CA GLU B 259 18.48 -1.08 11.63
C GLU B 259 17.31 -1.84 11.10
N PRO B 260 17.35 -3.16 11.25
CA PRO B 260 16.22 -3.96 10.82
C PRO B 260 15.06 -3.70 11.74
N LEU B 261 13.88 -3.68 11.16
CA LEU B 261 12.67 -3.64 11.88
C LEU B 261 11.86 -4.92 11.50
N HIS B 262 11.44 -5.70 12.48
CA HIS B 262 10.73 -6.92 12.19
C HIS B 262 9.26 -6.79 12.32
N LEU B 263 8.55 -7.00 11.19
CA LEU B 263 7.06 -7.08 11.15
C LEU B 263 6.62 -8.49 11.52
N ILE B 264 5.68 -8.63 12.42
CA ILE B 264 5.37 -9.95 12.98
C ILE B 264 3.90 -10.15 12.95
N ILE B 265 3.46 -11.30 12.48
CA ILE B 265 2.10 -11.78 12.74
C ILE B 265 2.26 -13.03 13.58
N ASP B 266 1.49 -13.08 14.66
CA ASP B 266 1.62 -14.05 15.71
C ASP B 266 0.24 -14.61 16.07
N LEU B 267 -0.02 -15.87 15.81
CA LEU B 267 -1.30 -16.41 16.20
C LEU B 267 -1.11 -17.54 17.18
N SER B 268 -1.91 -17.52 18.25
CA SER B 268 -1.88 -18.59 19.24
C SER B 268 -2.77 -19.67 18.72
N ASN B 269 -2.53 -20.91 19.17
CA ASN B 269 -3.37 -22.08 18.81
C ASN B 269 -4.86 -21.74 18.71
N GLU B 270 -5.43 -21.32 19.84
CA GLU B 270 -6.80 -20.83 19.87
C GLU B 270 -7.12 -20.04 18.59
N GLN B 271 -6.28 -19.05 18.31
CA GLN B 271 -6.51 -18.21 17.15
C GLN B 271 -6.43 -19.02 15.81
N LEU B 272 -5.41 -19.86 15.71
CA LEU B 272 -5.30 -20.81 14.62
C LEU B 272 -6.58 -21.63 14.46
N SER B 273 -7.36 -21.73 15.53
CA SER B 273 -8.56 -22.58 15.51
C SER B 273 -9.77 -21.81 15.04
N LYS B 274 -9.89 -20.56 15.49
CA LYS B 274 -10.96 -19.66 15.05
C LYS B 274 -10.89 -19.46 13.53
N ARG B 275 -9.68 -19.29 13.04
CA ARG B 275 -9.33 -19.81 11.74
C ARG B 275 -8.46 -18.86 10.98
MG MG C . -1.79 6.03 -2.94
MG MG D . -4.77 -1.49 4.48
#